data_4IR7
#
_entry.id   4IR7
#
_cell.length_a   138.212
_cell.length_b   138.212
_cell.length_c   82.582
_cell.angle_alpha   90.000
_cell.angle_beta   90.000
_cell.angle_gamma   120.000
#
_symmetry.space_group_name_H-M   'P 31 2 1'
#
loop_
_entity.id
_entity.type
_entity.pdbx_description
1 polymer 'Long chain fatty acid CoA ligase FadD10'
2 non-polymer "5'-O-[(S)-(dodecanoyloxy)(hydroxy)phosphoryl]adenosine"
3 non-polymer 'MAGNESIUM ION'
4 water water
#
_entity_poly.entity_id   1
_entity_poly.type   'polypeptide(L)'
_entity_poly.pdbx_seq_one_letter_code
;SMGGKKFQAMPQLPSTVLDRVFEQARQQPEAIALRRCDGTSALRYRELVAEVGGLAADLRAQSVSRGSRVLVISDNGPET
YLSVLACAKLGAIAVMADGNLPIAAIERFCQITDPAAALVAPGSKMASSAVPEALHSIPVIAVDIAAVTRESEHSLDAAS
LAGNADQGSEDPLAMIFTSGTTGEPKAVLLANRTFFAVPDILQKEGLNWVTWVVGETTYSPLPATHIGGLWWILTCLMHG
GLCVTGGENTTSLLEILTTNAVATTCLVPTLLSKLVSELKSANATVPSLRLVGYGGSRAIAADVRFIEATGVRTAQVYGL
SETGCTALCLPTDDGSIVKIEAGAVGRPYPGVDVYLAATDGIGPTAPGAGPSASFGTLWIKSPANMLGYWNNPERTAEVL
IDGWVNTGDLLERREDGFFYIKGRSSEMIICGGVNIAPDEVDRIAEGVSGVREAACYEIPDEEFGALVGLAVVASAELDE
SAARALKHTIAARFRRESEPMARPSTIVIVTDIPRTQSGKVMRASLAAAATADKARVVVRG
;
_entity_poly.pdbx_strand_id   A
#
# COMPACT_ATOMS: atom_id res chain seq x y z
N GLN A 12 -2.97 29.68 3.98
CA GLN A 12 -2.01 28.74 4.53
C GLN A 12 -2.66 27.78 5.52
N LEU A 13 -2.67 26.49 5.18
CA LEU A 13 -3.23 25.46 6.04
C LEU A 13 -2.36 25.25 7.26
N PRO A 14 -2.94 24.69 8.35
CA PRO A 14 -2.18 24.35 9.55
C PRO A 14 -1.01 23.42 9.25
N SER A 15 0.02 23.45 10.10
CA SER A 15 1.26 22.73 9.82
C SER A 15 1.36 21.34 10.47
N THR A 16 0.31 20.93 11.16
CA THR A 16 0.28 19.60 11.76
C THR A 16 -0.94 18.81 11.30
N VAL A 17 -0.87 17.50 11.40
CA VAL A 17 -1.97 16.62 11.03
C VAL A 17 -3.19 16.86 11.93
N LEU A 18 -2.94 16.91 13.23
CA LEU A 18 -4.01 17.09 14.20
C LEU A 18 -4.80 18.38 13.99
N ASP A 19 -4.09 19.47 13.71
CA ASP A 19 -4.74 20.76 13.47
C ASP A 19 -5.59 20.75 12.20
N ARG A 20 -5.09 20.09 11.16
CA ARG A 20 -5.84 19.98 9.91
C ARG A 20 -7.10 19.14 10.10
N VAL A 21 -7.02 18.15 10.98
CA VAL A 21 -8.18 17.32 11.31
C VAL A 21 -9.22 18.14 12.07
N PHE A 22 -8.75 18.87 13.08
CA PHE A 22 -9.64 19.70 13.89
C PHE A 22 -10.32 20.81 13.08
N GLU A 23 -9.65 21.25 12.01
CA GLU A 23 -10.22 22.27 11.15
C GLU A 23 -11.43 21.71 10.40
N GLN A 24 -11.36 20.43 10.05
CA GLN A 24 -12.48 19.75 9.43
C GLN A 24 -13.59 19.54 10.44
N ALA A 25 -13.20 19.34 11.71
CA ALA A 25 -14.15 19.13 12.78
C ALA A 25 -14.93 20.40 13.11
N ARG A 26 -14.41 21.54 12.66
CA ARG A 26 -15.10 22.81 12.85
C ARG A 26 -16.14 23.04 11.76
N GLN A 27 -15.81 22.62 10.54
CA GLN A 27 -16.72 22.74 9.41
C GLN A 27 -17.91 21.79 9.54
N GLN A 28 -17.61 20.52 9.80
CA GLN A 28 -18.65 19.50 9.91
C GLN A 28 -18.47 18.65 11.17
N PRO A 29 -18.83 19.21 12.32
CA PRO A 29 -18.65 18.53 13.61
C PRO A 29 -19.56 17.32 13.77
N GLU A 30 -20.74 17.36 13.15
CA GLU A 30 -21.70 16.27 13.29
C GLU A 30 -21.45 15.16 12.28
N ALA A 31 -20.63 15.47 11.27
CA ALA A 31 -20.27 14.47 10.26
C ALA A 31 -19.49 13.33 10.91
N ILE A 32 -19.81 12.11 10.50
CA ILE A 32 -19.17 10.91 11.04
C ILE A 32 -17.76 10.75 10.48
N ALA A 33 -16.78 10.56 11.36
CA ALA A 33 -15.38 10.52 10.96
C ALA A 33 -14.82 9.10 10.89
N LEU A 34 -14.90 8.38 12.00
CA LEU A 34 -14.39 7.01 12.06
C LEU A 34 -15.49 6.02 12.45
N ARG A 35 -15.49 4.86 11.80
CA ARG A 35 -16.36 3.76 12.19
C ARG A 35 -15.86 2.45 11.58
N ARG A 36 -16.23 1.34 12.21
CA ARG A 36 -15.85 0.02 11.70
C ARG A 36 -16.76 -0.37 10.54
N CYS A 37 -16.49 -1.53 9.94
CA CYS A 37 -17.26 -2.00 8.79
C CYS A 37 -18.73 -2.24 9.14
N ASP A 38 -18.96 -2.87 10.29
CA ASP A 38 -20.32 -3.13 10.75
C ASP A 38 -21.05 -1.84 11.14
N GLY A 39 -20.34 -0.98 11.87
CA GLY A 39 -20.90 0.30 12.28
C GLY A 39 -20.52 0.72 13.68
N THR A 40 -19.98 -0.21 14.46
CA THR A 40 -19.60 0.10 15.84
C THR A 40 -18.33 0.94 15.91
N SER A 41 -18.00 1.39 17.12
CA SER A 41 -16.86 2.28 17.35
C SER A 41 -16.95 3.55 16.49
N ALA A 42 -18.17 4.01 16.27
CA ALA A 42 -18.41 5.17 15.42
C ALA A 42 -18.10 6.48 16.14
N LEU A 43 -17.45 7.39 15.42
CA LEU A 43 -17.10 8.69 15.98
C LEU A 43 -17.40 9.84 15.02
N ARG A 44 -18.27 10.74 15.44
CA ARG A 44 -18.47 11.99 14.71
C ARG A 44 -17.22 12.82 14.93
N TYR A 45 -17.00 13.82 14.09
CA TYR A 45 -15.81 14.65 14.20
C TYR A 45 -15.73 15.39 15.53
N ARG A 46 -16.89 15.76 16.08
CA ARG A 46 -16.93 16.42 17.37
C ARG A 46 -16.64 15.43 18.50
N GLU A 47 -17.02 14.17 18.29
CA GLU A 47 -16.79 13.12 19.27
C GLU A 47 -15.33 12.70 19.24
N LEU A 48 -14.71 12.80 18.07
CA LEU A 48 -13.30 12.51 17.91
C LEU A 48 -12.47 13.52 18.69
N VAL A 49 -12.77 14.80 18.49
CA VAL A 49 -12.09 15.88 19.20
C VAL A 49 -12.20 15.71 20.71
N ALA A 50 -13.39 15.39 21.18
CA ALA A 50 -13.64 15.19 22.60
C ALA A 50 -12.84 14.01 23.15
N GLU A 51 -12.85 12.91 22.40
CA GLU A 51 -12.16 11.69 22.84
C GLU A 51 -10.65 11.79 22.76
N VAL A 52 -10.14 12.58 21.82
CA VAL A 52 -8.71 12.82 21.71
C VAL A 52 -8.21 13.52 22.97
N GLY A 53 -8.95 14.55 23.39
CA GLY A 53 -8.61 15.31 24.58
C GLY A 53 -8.61 14.46 25.85
N GLY A 54 -9.63 13.62 25.99
CA GLY A 54 -9.75 12.75 27.14
C GLY A 54 -8.64 11.72 27.21
N LEU A 55 -8.34 11.11 26.06
CA LEU A 55 -7.29 10.09 26.00
C LEU A 55 -5.91 10.71 26.19
N ALA A 56 -5.72 11.92 25.66
CA ALA A 56 -4.47 12.65 25.85
C ALA A 56 -4.30 13.02 27.31
N ALA A 57 -5.41 13.30 27.98
CA ALA A 57 -5.41 13.60 29.40
C ALA A 57 -5.04 12.36 30.19
N ASP A 58 -5.52 11.21 29.74
CA ASP A 58 -5.19 9.93 30.38
C ASP A 58 -3.71 9.60 30.18
N LEU A 59 -3.18 9.96 29.02
CA LEU A 59 -1.77 9.76 28.73
C LEU A 59 -0.91 10.68 29.59
N ARG A 60 -1.39 11.91 29.79
CA ARG A 60 -0.65 12.91 30.57
C ARG A 60 -0.45 12.46 32.01
N ALA A 61 -1.34 11.60 32.48
CA ALA A 61 -1.25 11.08 33.84
C ALA A 61 -0.25 9.94 33.96
N GLN A 62 0.35 9.57 32.82
CA GLN A 62 1.34 8.50 32.80
C GLN A 62 2.69 8.99 32.29
N SER A 63 3.03 10.22 32.65
CA SER A 63 4.33 10.83 32.30
C SER A 63 4.56 10.98 30.81
N VAL A 64 3.50 10.87 30.01
CA VAL A 64 3.61 11.03 28.57
C VAL A 64 3.56 12.51 28.20
N SER A 65 4.71 13.06 27.81
CA SER A 65 4.79 14.46 27.42
C SER A 65 5.22 14.58 25.96
N ARG A 66 5.62 15.79 25.57
CA ARG A 66 6.07 16.05 24.20
C ARG A 66 7.37 15.30 23.92
N GLY A 67 7.41 14.60 22.80
CA GLY A 67 8.60 13.86 22.40
C GLY A 67 8.60 12.43 22.91
N SER A 68 7.71 12.13 23.85
CA SER A 68 7.59 10.78 24.38
C SER A 68 7.03 9.83 23.32
N ARG A 69 7.38 8.56 23.43
CA ARG A 69 6.95 7.56 22.46
C ARG A 69 5.89 6.64 23.07
N VAL A 70 4.78 6.50 22.36
CA VAL A 70 3.69 5.66 22.82
C VAL A 70 3.48 4.48 21.88
N LEU A 71 3.46 3.28 22.44
CA LEU A 71 3.23 2.08 21.66
C LEU A 71 1.74 1.94 21.37
N VAL A 72 1.35 2.19 20.13
CA VAL A 72 -0.04 2.04 19.72
C VAL A 72 -0.27 0.64 19.15
N ILE A 73 -0.74 -0.26 20.00
CA ILE A 73 -1.05 -1.62 19.57
C ILE A 73 -2.31 -1.60 18.70
N SER A 74 -2.11 -1.56 17.40
CA SER A 74 -3.19 -1.31 16.44
C SER A 74 -4.18 -2.46 16.30
N ASP A 75 -5.39 -2.10 15.90
CA ASP A 75 -6.44 -3.05 15.58
C ASP A 75 -7.05 -2.67 14.24
N ASN A 76 -6.43 -1.68 13.60
CA ASN A 76 -6.89 -1.13 12.33
C ASN A 76 -8.27 -0.46 12.42
N GLY A 77 -8.76 -0.28 13.63
CA GLY A 77 -10.06 0.33 13.85
C GLY A 77 -9.95 1.77 14.31
N PRO A 78 -11.11 2.43 14.50
CA PRO A 78 -11.22 3.83 14.92
C PRO A 78 -10.42 4.14 16.18
N GLU A 79 -10.35 3.18 17.10
CA GLU A 79 -9.62 3.38 18.35
C GLU A 79 -8.13 3.59 18.11
N THR A 80 -7.61 3.04 17.02
CA THR A 80 -6.20 3.17 16.69
C THR A 80 -5.88 4.58 16.21
N TYR A 81 -6.65 5.09 15.26
CA TYR A 81 -6.43 6.42 14.72
C TYR A 81 -6.78 7.50 15.74
N LEU A 82 -7.68 7.17 16.66
CA LEU A 82 -7.94 8.03 17.81
C LEU A 82 -6.69 8.11 18.67
N SER A 83 -6.07 6.96 18.88
CA SER A 83 -4.85 6.87 19.68
C SER A 83 -3.70 7.66 19.06
N VAL A 84 -3.62 7.64 17.73
CA VAL A 84 -2.60 8.38 17.02
C VAL A 84 -2.78 9.88 17.23
N LEU A 85 -4.02 10.35 17.08
CA LEU A 85 -4.32 11.77 17.24
C LEU A 85 -4.21 12.22 18.68
N ALA A 86 -4.38 11.29 19.62
CA ALA A 86 -4.23 11.59 21.03
C ALA A 86 -2.76 11.80 21.37
N CYS A 87 -1.90 11.02 20.72
CA CYS A 87 -0.46 11.19 20.87
C CYS A 87 -0.02 12.50 20.25
N ALA A 88 -0.64 12.86 19.14
CA ALA A 88 -0.32 14.09 18.43
C ALA A 88 -0.63 15.32 19.27
N LYS A 89 -1.65 15.21 20.12
CA LYS A 89 -2.07 16.33 20.96
C LYS A 89 -0.99 16.69 21.97
N LEU A 90 -0.30 15.67 22.47
CA LEU A 90 0.77 15.87 23.44
C LEU A 90 2.08 16.18 22.73
N GLY A 91 2.09 16.00 21.41
CA GLY A 91 3.31 16.12 20.64
C GLY A 91 4.13 14.85 20.82
N ALA A 92 3.45 13.77 21.19
CA ALA A 92 4.08 12.48 21.39
C ALA A 92 4.14 11.70 20.09
N ILE A 93 5.00 10.69 20.05
CA ILE A 93 5.16 9.88 18.85
C ILE A 93 4.40 8.57 18.98
N ALA A 94 3.53 8.31 18.00
CA ALA A 94 2.72 7.09 18.01
C ALA A 94 3.45 5.94 17.32
N VAL A 95 3.96 5.00 18.11
CA VAL A 95 4.65 3.84 17.57
C VAL A 95 3.66 2.78 17.14
N MET A 96 3.56 2.56 15.83
CA MET A 96 2.54 1.68 15.28
C MET A 96 2.93 0.21 15.36
N ALA A 97 2.23 -0.54 16.19
CA ALA A 97 2.49 -1.97 16.38
C ALA A 97 1.28 -2.82 16.05
N ASP A 98 1.47 -3.82 15.19
CA ASP A 98 0.39 -4.71 14.79
C ASP A 98 -0.03 -5.60 15.95
N GLY A 99 -1.34 -5.67 16.19
CA GLY A 99 -1.87 -6.45 17.30
C GLY A 99 -1.86 -7.94 17.04
N ASN A 100 -1.88 -8.32 15.77
CA ASN A 100 -1.89 -9.73 15.39
C ASN A 100 -0.55 -10.41 15.61
N LEU A 101 0.52 -9.64 15.52
CA LEU A 101 1.88 -10.16 15.66
C LEU A 101 2.10 -10.87 16.99
N PRO A 102 2.97 -11.89 17.00
CA PRO A 102 3.30 -12.62 18.23
C PRO A 102 3.95 -11.71 19.27
N ILE A 103 3.92 -12.15 20.53
CA ILE A 103 4.45 -11.38 21.65
C ILE A 103 5.90 -10.96 21.46
N ALA A 104 6.72 -11.89 20.95
CA ALA A 104 8.14 -11.64 20.74
C ALA A 104 8.40 -10.46 19.81
N ALA A 105 7.52 -10.28 18.82
CA ALA A 105 7.64 -9.16 17.89
C ALA A 105 7.37 -7.84 18.58
N ILE A 106 6.31 -7.81 19.39
CA ILE A 106 5.93 -6.61 20.13
C ILE A 106 6.96 -6.32 21.23
N GLU A 107 7.49 -7.38 21.83
CA GLU A 107 8.57 -7.25 22.81
C GLU A 107 9.80 -6.64 22.14
N ARG A 108 10.03 -7.04 20.89
CA ARG A 108 11.13 -6.50 20.10
C ARG A 108 10.91 -5.02 19.80
N PHE A 109 9.66 -4.67 19.50
CA PHE A 109 9.30 -3.27 19.23
C PHE A 109 9.62 -2.37 20.40
N CYS A 110 9.25 -2.81 21.60
CA CYS A 110 9.44 -2.03 22.82
C CYS A 110 10.93 -1.78 23.10
N GLN A 111 11.76 -2.77 22.78
CA GLN A 111 13.19 -2.66 23.03
C GLN A 111 13.84 -1.65 22.09
N ILE A 112 13.27 -1.52 20.89
CA ILE A 112 13.80 -0.59 19.90
C ILE A 112 13.38 0.85 20.20
N THR A 113 12.11 1.03 20.54
CA THR A 113 11.55 2.37 20.69
C THR A 113 11.59 2.92 22.12
N ASP A 114 11.67 2.02 23.11
CA ASP A 114 11.66 2.39 24.51
C ASP A 114 10.48 3.31 24.83
N PRO A 115 9.26 2.79 24.73
CA PRO A 115 8.06 3.62 24.88
C PRO A 115 7.79 3.99 26.33
N ALA A 116 7.07 5.09 26.53
CA ALA A 116 6.72 5.55 27.87
C ALA A 116 5.40 4.96 28.34
N ALA A 117 4.56 4.58 27.37
CA ALA A 117 3.28 3.97 27.67
C ALA A 117 2.76 3.20 26.45
N ALA A 118 1.65 2.49 26.62
CA ALA A 118 1.08 1.70 25.54
C ALA A 118 -0.43 1.90 25.42
N LEU A 119 -0.89 2.14 24.20
CA LEU A 119 -2.32 2.27 23.94
C LEU A 119 -2.84 1.01 23.25
N VAL A 120 -3.69 0.27 23.95
CA VAL A 120 -4.20 -0.99 23.46
C VAL A 120 -5.63 -0.87 22.93
N ALA A 121 -5.79 -1.07 21.62
CA ALA A 121 -7.11 -1.04 21.00
C ALA A 121 -7.60 -2.45 20.71
N PRO A 122 -8.84 -2.76 21.10
CA PRO A 122 -9.43 -4.08 20.86
C PRO A 122 -9.83 -4.25 19.40
N GLY A 123 -9.56 -5.42 18.83
CA GLY A 123 -8.90 -6.50 19.56
C GLY A 123 -8.04 -7.36 18.66
N SER A 124 -6.75 -7.38 18.95
CA SER A 124 -5.77 -8.15 18.18
C SER A 124 -5.86 -7.88 16.68
N ALA A 130 -1.93 -12.15 28.25
CA ALA A 130 -0.90 -12.60 27.31
C ALA A 130 -0.15 -11.42 26.71
N VAL A 131 0.48 -10.62 27.58
CA VAL A 131 1.21 -9.44 27.13
C VAL A 131 2.72 -9.64 27.30
N PRO A 132 3.52 -8.93 26.48
CA PRO A 132 4.98 -8.99 26.58
C PRO A 132 5.50 -8.58 27.95
N GLU A 133 6.74 -8.99 28.25
CA GLU A 133 7.36 -8.68 29.54
C GLU A 133 7.62 -7.18 29.69
N ALA A 134 7.89 -6.51 28.57
CA ALA A 134 8.18 -5.09 28.58
C ALA A 134 6.97 -4.26 29.03
N LEU A 135 5.77 -4.77 28.75
CA LEU A 135 4.54 -4.07 29.11
C LEU A 135 4.23 -4.16 30.60
N HIS A 136 4.98 -5.01 31.31
CA HIS A 136 4.81 -5.14 32.74
C HIS A 136 5.57 -4.04 33.49
N SER A 137 6.40 -3.30 32.76
CA SER A 137 7.20 -2.24 33.35
C SER A 137 6.74 -0.86 32.89
N ILE A 138 5.79 -0.83 31.96
CA ILE A 138 5.29 0.43 31.42
C ILE A 138 3.76 0.54 31.56
N PRO A 139 3.25 1.77 31.75
CA PRO A 139 1.82 2.04 31.84
C PRO A 139 1.06 1.56 30.60
N VAL A 140 -0.14 1.02 30.81
CA VAL A 140 -0.97 0.52 29.72
C VAL A 140 -2.39 1.07 29.80
N ILE A 141 -2.84 1.68 28.71
CA ILE A 141 -4.18 2.29 28.68
C ILE A 141 -5.06 1.63 27.62
N ALA A 142 -6.22 1.13 28.05
CA ALA A 142 -7.18 0.52 27.14
C ALA A 142 -8.03 1.60 26.47
N VAL A 143 -8.26 1.44 25.16
CA VAL A 143 -8.99 2.43 24.38
C VAL A 143 -10.15 1.80 23.61
N ASP A 144 -11.37 2.04 24.04
CA ASP A 144 -12.55 1.58 23.31
C ASP A 144 -13.71 2.56 23.40
N ILE A 145 -14.60 2.50 22.41
CA ILE A 145 -15.68 3.47 22.29
C ILE A 145 -17.06 2.80 22.40
N ALA A 146 -18.10 3.61 22.57
CA ALA A 146 -19.46 3.10 22.65
C ALA A 146 -20.41 3.96 21.81
N ALA A 147 -21.71 3.84 22.07
CA ALA A 147 -22.71 4.60 21.35
C ALA A 147 -23.57 5.43 22.30
N HIS A 154 -24.66 16.33 21.48
CA HIS A 154 -24.05 17.38 22.27
C HIS A 154 -23.55 18.51 21.37
N SER A 155 -22.52 19.22 21.82
CA SER A 155 -21.95 20.32 21.06
C SER A 155 -20.45 20.18 20.92
N LEU A 156 -19.88 20.90 19.96
CA LEU A 156 -18.43 20.88 19.73
C LEU A 156 -17.72 21.58 20.88
N ASP A 157 -17.08 20.79 21.74
CA ASP A 157 -16.40 21.32 22.92
C ASP A 157 -15.15 22.12 22.55
N ALA A 158 -15.12 23.38 22.97
CA ALA A 158 -14.03 24.29 22.62
C ALA A 158 -12.80 24.11 23.50
N ALA A 159 -12.95 23.37 24.59
CA ALA A 159 -11.83 23.11 25.49
C ALA A 159 -10.95 22.00 24.94
N SER A 160 -11.54 21.14 24.11
CA SER A 160 -10.80 20.05 23.49
C SER A 160 -10.20 20.49 22.16
N LEU A 161 -10.77 21.54 21.58
CA LEU A 161 -10.22 22.15 20.38
C LEU A 161 -8.95 22.92 20.73
N ALA A 162 -8.90 23.41 21.96
CA ALA A 162 -7.73 24.11 22.46
C ALA A 162 -6.84 23.15 23.25
N GLY A 163 -5.55 23.42 23.26
CA GLY A 163 -4.61 22.57 23.97
C GLY A 163 -3.72 21.78 23.04
N ASN A 164 -3.83 22.05 21.74
CA ASN A 164 -2.95 21.41 20.77
C ASN A 164 -1.52 21.90 20.96
N ALA A 165 -0.63 20.98 21.32
CA ALA A 165 0.77 21.31 21.56
C ALA A 165 1.39 22.00 20.35
N ASP A 166 2.21 23.02 20.60
CA ASP A 166 2.78 23.80 19.53
C ASP A 166 3.78 22.97 18.71
N GLN A 167 3.24 22.15 17.82
CA GLN A 167 4.06 21.31 16.96
C GLN A 167 4.14 21.91 15.56
N GLY A 168 5.10 21.44 14.78
CA GLY A 168 5.28 21.92 13.42
C GLY A 168 5.31 20.77 12.43
N SER A 169 5.55 21.10 11.16
CA SER A 169 5.58 20.10 10.09
C SER A 169 6.77 19.16 10.23
N GLU A 170 7.82 19.62 10.91
CA GLU A 170 9.05 18.85 11.02
C GLU A 170 9.07 17.95 12.26
N ASP A 171 8.14 18.19 13.18
CA ASP A 171 8.05 17.40 14.40
C ASP A 171 7.49 16.01 14.12
N PRO A 172 8.11 14.98 14.72
CA PRO A 172 7.75 13.58 14.47
C PRO A 172 6.34 13.24 14.95
N LEU A 173 5.62 12.46 14.15
CA LEU A 173 4.25 12.08 14.50
C LEU A 173 4.14 10.59 14.83
N ALA A 174 4.62 9.74 13.93
CA ALA A 174 4.47 8.30 14.11
C ALA A 174 5.69 7.51 13.65
N MET A 175 5.66 6.21 13.92
CA MET A 175 6.71 5.29 13.46
C MET A 175 6.10 4.08 12.78
N ILE A 176 6.70 3.66 11.67
CA ILE A 176 6.27 2.46 10.96
C ILE A 176 7.45 1.51 10.82
N PHE A 177 7.24 0.23 11.17
CA PHE A 177 8.30 -0.76 11.10
C PHE A 177 8.44 -1.38 9.72
N THR A 178 9.68 -1.64 9.32
CA THR A 178 9.96 -2.29 8.04
C THR A 178 11.12 -3.28 8.17
N SER A 179 11.04 -4.38 7.44
CA SER A 179 12.10 -5.39 7.45
C SER A 179 13.16 -5.08 6.40
N THR A 182 16.40 -6.66 5.58
CA THR A 182 15.80 -7.86 5.04
C THR A 182 15.12 -8.57 6.18
N GLY A 183 15.94 -8.95 7.17
CA GLY A 183 15.49 -9.76 8.28
C GLY A 183 15.03 -8.94 9.46
N GLU A 184 15.94 -8.10 9.98
CA GLU A 184 15.66 -7.28 11.18
C GLU A 184 14.75 -6.09 10.87
N PRO A 185 13.90 -5.70 11.83
CA PRO A 185 12.97 -4.59 11.64
C PRO A 185 13.53 -3.24 12.11
N LYS A 186 13.25 -2.20 11.34
CA LYS A 186 13.70 -0.85 11.70
C LYS A 186 12.52 0.10 11.87
N ALA A 187 12.66 1.06 12.78
CA ALA A 187 11.58 2.00 13.07
C ALA A 187 11.71 3.28 12.26
N VAL A 188 10.83 3.44 11.27
CA VAL A 188 10.83 4.63 10.41
C VAL A 188 10.12 5.80 11.08
N LEU A 189 10.89 6.82 11.45
CA LEU A 189 10.33 8.00 12.10
C LEU A 189 9.75 8.97 11.06
N LEU A 190 8.48 9.32 11.24
CA LEU A 190 7.78 10.16 10.26
C LEU A 190 7.24 11.45 10.87
N ALA A 191 7.63 12.58 10.28
CA ALA A 191 7.14 13.88 10.72
C ALA A 191 5.74 14.13 10.17
N ASN A 192 5.09 15.17 10.66
CA ASN A 192 3.74 15.55 10.22
C ASN A 192 3.64 15.79 8.72
N ARG A 193 4.67 16.44 8.16
CA ARG A 193 4.67 16.82 6.76
C ARG A 193 4.52 15.64 5.81
N THR A 194 4.94 14.46 6.25
CA THR A 194 4.82 13.23 5.47
C THR A 194 3.38 13.02 5.00
N PHE A 195 2.43 13.38 5.86
CA PHE A 195 1.03 13.07 5.61
C PHE A 195 0.26 14.16 4.84
N PHE A 196 0.92 15.28 4.54
CA PHE A 196 0.26 16.32 3.74
C PHE A 196 1.15 16.98 2.68
N ALA A 197 2.42 16.60 2.62
CA ALA A 197 3.34 17.18 1.64
C ALA A 197 2.84 16.98 0.20
N VAL A 198 2.63 15.73 -0.19
CA VAL A 198 2.13 15.40 -1.51
C VAL A 198 0.71 15.91 -1.80
N PRO A 199 -0.24 15.72 -0.86
CA PRO A 199 -1.58 16.29 -1.10
C PRO A 199 -1.56 17.79 -1.36
N ASP A 200 -0.72 18.52 -0.64
CA ASP A 200 -0.59 19.96 -0.83
C ASP A 200 -0.02 20.29 -2.20
N ILE A 201 0.83 19.40 -2.72
CA ILE A 201 1.40 19.57 -4.05
C ILE A 201 0.32 19.42 -5.11
N LEU A 202 -0.48 18.36 -4.98
CA LEU A 202 -1.57 18.09 -5.91
C LEU A 202 -2.58 19.25 -5.94
N GLN A 203 -2.81 19.84 -4.77
CA GLN A 203 -3.72 20.97 -4.66
C GLN A 203 -3.13 22.22 -5.30
N LYS A 204 -1.84 22.47 -5.02
CA LYS A 204 -1.17 23.67 -5.50
C LYS A 204 -0.94 23.65 -7.00
N GLU A 205 -0.49 22.51 -7.51
CA GLU A 205 -0.21 22.37 -8.94
C GLU A 205 -1.48 22.17 -9.76
N GLY A 206 -2.60 21.98 -9.06
CA GLY A 206 -3.87 21.76 -9.71
C GLY A 206 -3.94 20.42 -10.42
N LEU A 207 -3.26 19.43 -9.86
CA LEU A 207 -3.26 18.09 -10.43
C LEU A 207 -4.43 17.26 -9.90
N ASN A 208 -4.84 16.27 -10.68
CA ASN A 208 -6.00 15.46 -10.36
C ASN A 208 -5.67 13.98 -10.20
N TRP A 209 -4.38 13.68 -10.11
CA TRP A 209 -3.90 12.30 -10.00
C TRP A 209 -4.55 11.58 -8.82
N VAL A 210 -4.53 12.23 -7.66
CA VAL A 210 -5.26 11.75 -6.50
C VAL A 210 -6.05 12.91 -5.91
N THR A 211 -7.36 12.70 -5.73
CA THR A 211 -8.23 13.76 -5.22
C THR A 211 -9.01 13.32 -3.99
N TRP A 212 -9.37 14.29 -3.16
CA TRP A 212 -10.22 14.06 -2.01
C TRP A 212 -11.49 14.88 -2.14
N VAL A 213 -12.60 14.31 -1.68
CA VAL A 213 -13.87 15.04 -1.66
C VAL A 213 -14.42 15.04 -0.24
N VAL A 214 -14.65 16.22 0.31
CA VAL A 214 -15.09 16.36 1.70
C VAL A 214 -16.40 15.64 1.97
N GLY A 215 -16.39 14.77 2.97
CA GLY A 215 -17.58 14.05 3.38
C GLY A 215 -17.73 12.67 2.76
N GLU A 216 -17.03 12.43 1.66
CA GLU A 216 -17.15 11.17 0.93
C GLU A 216 -16.66 9.99 1.78
N THR A 217 -17.15 8.80 1.44
CA THR A 217 -16.84 7.59 2.20
C THR A 217 -15.61 6.87 1.64
N THR A 218 -14.70 6.48 2.52
CA THR A 218 -13.51 5.75 2.11
C THR A 218 -13.31 4.51 2.98
N TYR A 219 -12.59 3.53 2.45
CA TYR A 219 -12.29 2.30 3.18
C TYR A 219 -10.85 1.86 2.97
N SER A 220 -10.24 1.35 4.03
CA SER A 220 -8.86 0.88 3.97
C SER A 220 -8.73 -0.55 4.50
N PRO A 221 -8.43 -1.50 3.60
CA PRO A 221 -8.13 -2.88 3.99
C PRO A 221 -6.73 -2.95 4.57
N LEU A 222 -5.91 -1.97 4.22
CA LEU A 222 -4.54 -1.89 4.69
C LEU A 222 -4.49 -1.45 6.14
N PRO A 223 -3.71 -2.16 6.97
CA PRO A 223 -3.63 -1.89 8.40
C PRO A 223 -3.04 -0.52 8.72
N ALA A 224 -3.28 -0.03 9.93
CA ALA A 224 -2.76 1.26 10.36
C ALA A 224 -1.25 1.19 10.61
N THR A 225 -0.74 -0.04 10.74
CA THR A 225 0.68 -0.26 10.93
C THR A 225 1.38 -0.42 9.58
N HIS A 226 0.59 -0.34 8.52
CA HIS A 226 1.11 -0.30 7.17
C HIS A 226 1.26 1.16 6.79
N ILE A 227 2.35 1.50 6.11
CA ILE A 227 2.58 2.89 5.71
C ILE A 227 1.45 3.38 4.80
N GLY A 228 0.99 2.52 3.90
CA GLY A 228 -0.09 2.86 2.99
C GLY A 228 -1.42 3.05 3.69
N GLY A 229 -1.66 2.26 4.73
CA GLY A 229 -2.90 2.35 5.47
C GLY A 229 -2.97 3.59 6.35
N LEU A 230 -1.95 3.78 7.17
CA LEU A 230 -1.87 4.94 8.06
C LEU A 230 -1.90 6.24 7.28
N TRP A 231 -1.11 6.30 6.22
CA TRP A 231 -1.03 7.50 5.39
C TRP A 231 -2.37 7.84 4.75
N TRP A 232 -3.03 6.82 4.19
CA TRP A 232 -4.29 7.04 3.48
C TRP A 232 -5.39 7.61 4.36
N ILE A 233 -5.63 6.97 5.51
CA ILE A 233 -6.69 7.40 6.40
C ILE A 233 -6.47 8.80 6.94
N LEU A 234 -5.23 9.10 7.34
CA LEU A 234 -4.90 10.42 7.86
C LEU A 234 -5.15 11.52 6.82
N THR A 235 -4.80 11.24 5.57
CA THR A 235 -5.07 12.19 4.48
C THR A 235 -6.57 12.40 4.30
N CYS A 236 -7.34 11.33 4.45
CA CYS A 236 -8.78 11.40 4.30
C CYS A 236 -9.43 12.12 5.49
N LEU A 237 -8.87 11.91 6.68
CA LEU A 237 -9.36 12.58 7.87
C LEU A 237 -9.13 14.08 7.78
N MET A 238 -7.99 14.48 7.24
CA MET A 238 -7.65 15.89 7.09
C MET A 238 -8.45 16.55 5.96
N HIS A 239 -9.14 15.72 5.18
CA HIS A 239 -9.99 16.24 4.11
C HIS A 239 -11.47 16.08 4.45
N GLY A 240 -11.74 15.69 5.71
CA GLY A 240 -13.09 15.58 6.20
C GLY A 240 -13.91 14.46 5.57
N GLY A 241 -13.28 13.30 5.39
CA GLY A 241 -13.96 12.18 4.78
C GLY A 241 -14.49 11.17 5.79
N LEU A 242 -15.44 10.35 5.35
CA LEU A 242 -15.98 9.28 6.18
C LEU A 242 -15.08 8.05 6.06
N CYS A 243 -14.32 7.77 7.12
CA CYS A 243 -13.32 6.71 7.08
C CYS A 243 -13.77 5.43 7.75
N VAL A 244 -13.98 4.38 6.95
CA VAL A 244 -14.34 3.08 7.47
C VAL A 244 -13.11 2.18 7.55
N THR A 245 -12.74 1.79 8.76
CA THR A 245 -11.56 0.95 8.98
C THR A 245 -11.78 -0.06 10.10
N GLY A 246 -11.15 -1.22 9.96
CA GLY A 246 -11.21 -2.25 10.99
C GLY A 246 -12.57 -2.91 11.12
N GLY A 247 -12.65 -3.91 11.98
CA GLY A 247 -13.89 -4.62 12.24
C GLY A 247 -14.46 -5.31 11.01
N GLU A 248 -13.61 -6.01 10.28
CA GLU A 248 -14.06 -6.77 9.12
C GLU A 248 -14.88 -7.99 9.55
N ASN A 249 -16.08 -8.09 9.01
CA ASN A 249 -16.98 -9.19 9.34
C ASN A 249 -17.03 -10.22 8.21
N THR A 250 -16.50 -9.85 7.05
CA THR A 250 -16.54 -10.70 5.88
C THR A 250 -15.20 -10.68 5.16
N THR A 251 -14.92 -11.74 4.38
CA THR A 251 -13.71 -11.78 3.58
C THR A 251 -13.97 -11.18 2.20
N SER A 252 -15.23 -10.83 1.95
CA SER A 252 -15.64 -10.26 0.67
C SER A 252 -15.38 -8.75 0.63
N LEU A 253 -14.64 -8.31 -0.38
CA LEU A 253 -14.33 -6.90 -0.55
C LEU A 253 -15.46 -6.20 -1.30
N LEU A 254 -16.05 -6.90 -2.26
CA LEU A 254 -17.16 -6.38 -3.05
C LEU A 254 -18.31 -5.96 -2.13
N GLU A 255 -18.54 -6.76 -1.10
CA GLU A 255 -19.61 -6.48 -0.15
C GLU A 255 -19.39 -5.16 0.59
N ILE A 256 -18.23 -5.04 1.23
CA ILE A 256 -17.90 -3.87 2.04
C ILE A 256 -17.97 -2.57 1.23
N LEU A 257 -17.45 -2.60 0.01
CA LEU A 257 -17.43 -1.42 -0.86
C LEU A 257 -18.85 -1.02 -1.26
N THR A 258 -19.74 -2.01 -1.37
CA THR A 258 -21.11 -1.76 -1.81
C THR A 258 -22.07 -1.57 -0.63
N THR A 259 -21.82 -2.30 0.45
CA THR A 259 -22.63 -2.18 1.67
C THR A 259 -22.54 -0.77 2.23
N ASN A 260 -21.33 -0.26 2.34
CA ASN A 260 -21.07 1.03 2.93
C ASN A 260 -21.00 2.15 1.89
N ALA A 261 -21.16 1.77 0.63
CA ALA A 261 -21.19 2.72 -0.49
C ALA A 261 -19.98 3.66 -0.51
N VAL A 262 -18.78 3.08 -0.48
CA VAL A 262 -17.56 3.88 -0.46
C VAL A 262 -17.30 4.51 -1.82
N ALA A 263 -16.55 5.61 -1.83
CA ALA A 263 -16.21 6.29 -3.07
C ALA A 263 -14.76 6.03 -3.44
N THR A 264 -13.91 5.95 -2.41
CA THR A 264 -12.49 5.72 -2.61
C THR A 264 -11.97 4.62 -1.71
N THR A 265 -10.88 3.98 -2.12
CA THR A 265 -10.24 2.96 -1.30
C THR A 265 -8.77 2.77 -1.71
N CYS A 266 -7.98 2.24 -0.79
CA CYS A 266 -6.56 2.00 -1.04
C CYS A 266 -6.26 0.51 -1.04
N LEU A 267 -5.64 0.03 -2.10
CA LEU A 267 -5.43 -1.40 -2.26
C LEU A 267 -4.00 -1.78 -2.64
N VAL A 268 -3.69 -3.06 -2.49
CA VAL A 268 -2.47 -3.64 -3.05
C VAL A 268 -2.93 -4.53 -4.20
N PRO A 269 -2.07 -4.74 -5.21
CA PRO A 269 -2.42 -5.51 -6.42
C PRO A 269 -3.13 -6.84 -6.13
N THR A 270 -2.79 -7.47 -5.02
CA THR A 270 -3.42 -8.73 -4.63
C THR A 270 -4.90 -8.52 -4.32
N LEU A 271 -5.20 -7.48 -3.56
CA LEU A 271 -6.57 -7.18 -3.17
C LEU A 271 -7.42 -6.69 -4.34
N LEU A 272 -6.81 -5.91 -5.23
CA LEU A 272 -7.49 -5.45 -6.43
C LEU A 272 -7.81 -6.65 -7.32
N SER A 273 -6.89 -7.61 -7.36
CA SER A 273 -7.08 -8.83 -8.13
C SER A 273 -8.23 -9.64 -7.54
N LYS A 274 -8.35 -9.62 -6.22
CA LYS A 274 -9.42 -10.33 -5.53
C LYS A 274 -10.77 -9.69 -5.83
N LEU A 275 -10.81 -8.36 -5.81
CA LEU A 275 -12.03 -7.61 -6.07
C LEU A 275 -12.55 -7.87 -7.48
N VAL A 276 -11.65 -7.84 -8.45
CA VAL A 276 -12.01 -8.08 -9.85
C VAL A 276 -12.62 -9.47 -10.03
N SER A 277 -12.04 -10.46 -9.35
CA SER A 277 -12.56 -11.83 -9.38
C SER A 277 -13.99 -11.89 -8.84
N GLU A 278 -14.27 -11.09 -7.82
CA GLU A 278 -15.61 -11.04 -7.26
C GLU A 278 -16.57 -10.29 -8.18
N LEU A 279 -16.05 -9.26 -8.85
CA LEU A 279 -16.85 -8.49 -9.81
C LEU A 279 -17.11 -9.29 -11.08
N LYS A 280 -16.42 -10.41 -11.24
CA LYS A 280 -16.63 -11.30 -12.37
C LYS A 280 -17.53 -12.47 -12.00
N SER A 281 -17.27 -13.06 -10.84
CA SER A 281 -18.05 -14.19 -10.33
C SER A 281 -19.53 -13.86 -10.26
N ALA A 282 -19.82 -12.59 -10.00
CA ALA A 282 -21.18 -12.08 -10.08
C ALA A 282 -21.16 -10.88 -11.02
N ASN A 283 -22.11 -10.82 -11.95
CA ASN A 283 -22.22 -9.67 -12.83
C ASN A 283 -22.46 -8.41 -12.01
N ALA A 284 -21.37 -7.90 -11.42
CA ALA A 284 -21.47 -6.86 -10.41
C ALA A 284 -20.68 -5.60 -10.76
N THR A 285 -20.83 -4.59 -9.91
CA THR A 285 -20.24 -3.28 -10.11
C THR A 285 -20.34 -2.52 -8.80
N VAL A 286 -19.30 -1.74 -8.48
CA VAL A 286 -19.39 -0.80 -7.38
C VAL A 286 -19.57 0.60 -7.94
N PRO A 287 -20.83 1.04 -8.06
CA PRO A 287 -21.17 2.33 -8.69
C PRO A 287 -20.69 3.50 -7.85
N SER A 288 -20.80 3.37 -6.54
CA SER A 288 -20.37 4.42 -5.62
C SER A 288 -18.87 4.66 -5.71
N LEU A 289 -18.13 3.62 -6.09
CA LEU A 289 -16.68 3.70 -6.20
C LEU A 289 -16.25 4.73 -7.24
N ARG A 290 -15.42 5.68 -6.82
CA ARG A 290 -14.95 6.73 -7.71
C ARG A 290 -13.46 6.58 -8.00
N LEU A 291 -12.66 6.40 -6.95
CA LEU A 291 -11.22 6.34 -7.08
C LEU A 291 -10.61 5.14 -6.39
N VAL A 292 -9.69 4.47 -7.08
CA VAL A 292 -8.96 3.36 -6.48
C VAL A 292 -7.46 3.64 -6.48
N GLY A 293 -6.87 3.67 -5.29
CA GLY A 293 -5.44 3.82 -5.16
C GLY A 293 -4.80 2.47 -4.93
N TYR A 294 -3.80 2.14 -5.74
CA TYR A 294 -3.15 0.84 -5.63
C TYR A 294 -1.63 0.94 -5.74
N GLY A 295 -0.94 0.04 -5.05
CA GLY A 295 0.52 0.01 -5.06
C GLY A 295 1.06 -0.93 -3.99
N GLY A 296 2.38 -1.05 -3.93
CA GLY A 296 3.00 -1.92 -2.95
C GLY A 296 3.76 -3.06 -3.60
N SER A 297 3.23 -3.57 -4.70
CA SER A 297 3.89 -4.61 -5.47
C SER A 297 3.57 -4.44 -6.96
N ARG A 298 3.93 -5.45 -7.75
CA ARG A 298 3.75 -5.38 -9.20
C ARG A 298 2.28 -5.18 -9.58
N ALA A 299 2.02 -4.10 -10.32
CA ALA A 299 0.66 -3.79 -10.75
C ALA A 299 0.18 -4.78 -11.81
N ILE A 300 -1.09 -5.14 -11.74
CA ILE A 300 -1.69 -6.03 -12.72
C ILE A 300 -2.57 -5.23 -13.67
N ALA A 301 -2.06 -4.98 -14.88
CA ALA A 301 -2.72 -4.12 -15.85
C ALA A 301 -4.11 -4.61 -16.23
N ALA A 302 -4.33 -5.92 -16.16
CA ALA A 302 -5.61 -6.51 -16.49
C ALA A 302 -6.69 -6.08 -15.50
N ASP A 303 -6.36 -6.14 -14.22
CA ASP A 303 -7.30 -5.79 -13.16
C ASP A 303 -7.62 -4.29 -13.17
N VAL A 304 -6.61 -3.48 -13.49
CA VAL A 304 -6.78 -2.04 -13.53
C VAL A 304 -7.70 -1.64 -14.68
N ARG A 305 -7.47 -2.22 -15.86
CA ARG A 305 -8.29 -1.94 -17.04
C ARG A 305 -9.74 -2.35 -16.80
N PHE A 306 -9.93 -3.48 -16.13
CA PHE A 306 -11.26 -4.00 -15.85
C PHE A 306 -12.09 -3.04 -15.00
N ILE A 307 -11.45 -2.44 -14.00
CA ILE A 307 -12.16 -1.56 -13.08
C ILE A 307 -12.26 -0.14 -13.63
N GLU A 308 -11.44 0.18 -14.62
CA GLU A 308 -11.54 1.46 -15.32
C GLU A 308 -12.68 1.39 -16.32
N ALA A 309 -13.02 0.18 -16.75
CA ALA A 309 -14.15 -0.05 -17.63
C ALA A 309 -15.44 0.22 -16.87
N THR A 310 -15.39 0.02 -15.55
CA THR A 310 -16.52 0.30 -14.67
C THR A 310 -16.78 1.81 -14.63
N GLY A 311 -15.74 2.58 -14.89
CA GLY A 311 -15.83 4.03 -14.87
C GLY A 311 -15.12 4.60 -13.65
N VAL A 312 -14.37 3.74 -12.98
CA VAL A 312 -13.63 4.15 -11.79
C VAL A 312 -12.23 4.59 -12.14
N ARG A 313 -11.85 5.78 -11.68
CA ARG A 313 -10.49 6.28 -11.89
C ARG A 313 -9.52 5.58 -10.96
N THR A 314 -8.33 5.27 -11.48
CA THR A 314 -7.31 4.61 -10.68
C THR A 314 -6.01 5.39 -10.69
N ALA A 315 -5.17 5.14 -9.70
CA ALA A 315 -3.86 5.77 -9.62
C ALA A 315 -2.87 4.86 -8.92
N GLN A 316 -1.83 4.44 -9.65
CA GLN A 316 -0.78 3.64 -9.05
C GLN A 316 0.16 4.57 -8.28
N VAL A 317 0.61 4.12 -7.11
CA VAL A 317 1.56 4.90 -6.33
C VAL A 317 2.81 4.08 -6.02
N TYR A 318 3.96 4.70 -6.24
CA TYR A 318 5.24 4.09 -5.86
C TYR A 318 5.83 4.84 -4.69
N GLY A 319 6.36 4.11 -3.73
CA GLY A 319 6.96 4.72 -2.56
C GLY A 319 7.40 3.72 -1.51
N LEU A 320 8.04 4.23 -0.47
CA LEU A 320 8.48 3.40 0.64
C LEU A 320 8.04 4.06 1.94
N SER A 321 8.23 3.37 3.06
CA SER A 321 8.00 3.97 4.36
C SER A 321 9.01 5.09 4.57
N GLU A 322 10.21 4.89 4.01
CA GLU A 322 11.29 5.87 4.13
C GLU A 322 11.00 7.14 3.33
N THR A 323 10.12 7.04 2.34
CA THR A 323 9.76 8.20 1.52
C THR A 323 8.39 8.74 1.89
N GLY A 324 7.88 8.34 3.05
CA GLY A 324 6.57 8.76 3.50
C GLY A 324 5.49 8.38 2.50
N CYS A 325 5.38 7.08 2.24
CA CYS A 325 4.44 6.54 1.26
C CYS A 325 4.74 7.03 -0.16
N THR A 326 3.69 7.39 -0.89
CA THR A 326 3.79 7.69 -2.32
C THR A 326 4.80 8.78 -2.69
N ALA A 327 5.53 8.55 -3.77
CA ALA A 327 6.49 9.51 -4.30
C ALA A 327 6.31 9.65 -5.81
N LEU A 328 6.00 8.53 -6.45
CA LEU A 328 5.66 8.53 -7.87
C LEU A 328 4.19 8.17 -8.03
N CYS A 329 3.59 8.56 -9.15
CA CYS A 329 2.18 8.28 -9.37
C CYS A 329 1.87 7.98 -10.84
N LEU A 330 0.95 7.04 -11.05
CA LEU A 330 0.49 6.69 -12.38
C LEU A 330 -1.04 6.72 -12.42
N PRO A 331 -1.61 7.88 -12.77
CA PRO A 331 -3.07 8.07 -12.80
C PRO A 331 -3.71 7.54 -14.07
N THR A 332 -5.02 7.38 -14.05
CA THR A 332 -5.77 6.92 -15.22
C THR A 332 -5.64 7.91 -16.37
N ASP A 333 -5.18 7.42 -17.52
CA ASP A 333 -4.98 8.26 -18.69
C ASP A 333 -4.89 7.39 -19.94
N ASP A 334 -4.80 8.03 -21.10
CA ASP A 334 -4.66 7.30 -22.36
C ASP A 334 -3.31 6.59 -22.42
N GLY A 335 -3.35 5.29 -22.75
CA GLY A 335 -2.14 4.51 -22.88
C GLY A 335 -1.56 4.05 -21.55
N SER A 336 -2.27 4.36 -20.47
CA SER A 336 -1.81 3.99 -19.12
C SER A 336 -1.73 2.49 -18.95
N ILE A 337 -2.78 1.78 -19.36
CA ILE A 337 -2.83 0.32 -19.25
C ILE A 337 -1.67 -0.33 -20.02
N VAL A 338 -1.31 0.27 -21.14
CA VAL A 338 -0.21 -0.23 -21.97
C VAL A 338 1.12 -0.20 -21.23
N LYS A 339 1.43 0.94 -20.60
CA LYS A 339 2.71 1.09 -19.90
C LYS A 339 2.74 0.39 -18.53
N ILE A 340 1.58 0.27 -17.90
CA ILE A 340 1.48 -0.48 -16.65
C ILE A 340 1.81 -1.95 -16.92
N GLU A 341 1.36 -2.44 -18.07
CA GLU A 341 1.68 -3.79 -18.51
C GLU A 341 3.17 -3.92 -18.79
N ALA A 342 3.78 -2.82 -19.22
CA ALA A 342 5.22 -2.80 -19.52
C ALA A 342 6.05 -2.64 -18.26
N GLY A 343 5.39 -2.39 -17.13
CA GLY A 343 6.07 -2.32 -15.85
C GLY A 343 6.28 -0.91 -15.32
N ALA A 344 5.56 0.06 -15.87
CA ALA A 344 5.66 1.44 -15.41
C ALA A 344 5.08 1.59 -14.02
N VAL A 345 5.76 2.35 -13.17
CA VAL A 345 5.28 2.61 -11.82
C VAL A 345 4.76 4.04 -11.70
N GLY A 346 5.04 4.85 -12.72
CA GLY A 346 4.57 6.22 -12.75
C GLY A 346 5.68 7.24 -12.88
N ARG A 347 5.39 8.47 -12.45
CA ARG A 347 6.38 9.55 -12.49
C ARG A 347 6.16 10.47 -11.29
N PRO A 348 7.23 11.16 -10.84
CA PRO A 348 7.16 11.93 -9.58
C PRO A 348 6.21 13.12 -9.63
N TYR A 349 5.69 13.49 -8.46
CA TYR A 349 4.93 14.72 -8.32
C TYR A 349 5.90 15.88 -8.45
N PRO A 350 5.43 17.03 -8.98
CA PRO A 350 6.26 18.23 -9.06
C PRO A 350 6.74 18.65 -7.68
N GLY A 351 8.06 18.70 -7.49
CA GLY A 351 8.63 19.02 -6.19
C GLY A 351 9.40 17.82 -5.65
N VAL A 352 8.99 16.63 -6.08
CA VAL A 352 9.72 15.42 -5.73
C VAL A 352 10.82 15.17 -6.75
N ASP A 353 12.07 15.18 -6.29
CA ASP A 353 13.20 15.01 -7.18
C ASP A 353 13.63 13.54 -7.24
N VAL A 354 13.94 13.07 -8.44
CA VAL A 354 14.36 11.69 -8.64
C VAL A 354 15.76 11.63 -9.26
N TYR A 355 16.48 10.56 -8.97
CA TYR A 355 17.84 10.39 -9.48
C TYR A 355 18.16 8.90 -9.63
N LEU A 356 18.64 8.54 -10.82
CA LEU A 356 19.01 7.15 -11.08
C LEU A 356 20.52 6.97 -11.01
N ALA A 357 20.97 6.28 -9.96
CA ALA A 357 22.39 6.03 -9.76
C ALA A 357 22.84 4.80 -10.54
N ALA A 358 23.61 5.02 -11.59
CA ALA A 358 24.05 3.93 -12.47
C ALA A 358 25.01 2.97 -11.79
N THR A 359 25.79 3.48 -10.83
CA THR A 359 26.78 2.68 -10.15
C THR A 359 26.59 2.72 -8.63
N ASP A 360 26.59 1.54 -8.01
CA ASP A 360 26.42 1.42 -6.56
C ASP A 360 27.51 2.17 -5.80
N GLY A 361 27.10 2.96 -4.82
CA GLY A 361 28.03 3.72 -4.01
C GLY A 361 28.21 5.14 -4.51
N ILE A 362 27.56 5.46 -5.63
CA ILE A 362 27.66 6.79 -6.22
C ILE A 362 26.29 7.38 -6.49
N GLY A 363 25.75 8.08 -5.50
CA GLY A 363 24.45 8.72 -5.62
C GLY A 363 24.57 10.17 -6.04
N PRO A 364 23.47 10.92 -5.93
CA PRO A 364 23.45 12.34 -6.32
C PRO A 364 24.26 13.22 -5.37
N THR A 365 24.55 12.70 -4.18
CA THR A 365 25.30 13.45 -3.18
C THR A 365 26.81 13.23 -3.33
N ALA A 366 27.19 12.40 -4.30
CA ALA A 366 28.60 12.14 -4.57
C ALA A 366 29.16 13.21 -5.51
N PRO A 367 30.29 13.81 -5.12
CA PRO A 367 30.94 14.85 -5.93
C PRO A 367 31.31 14.37 -7.33
N GLY A 368 31.28 15.27 -8.30
CA GLY A 368 31.58 14.92 -9.67
C GLY A 368 30.38 14.38 -10.41
N ALA A 369 30.53 13.18 -10.94
CA ALA A 369 29.44 12.49 -11.63
C ALA A 369 28.30 12.24 -10.65
N GLY A 370 27.08 12.61 -11.04
CA GLY A 370 26.84 13.23 -12.33
C GLY A 370 25.35 13.53 -12.49
N PRO A 371 24.90 13.72 -13.74
CA PRO A 371 23.46 13.88 -13.97
C PRO A 371 22.76 12.54 -13.86
N SER A 372 21.45 12.55 -13.63
CA SER A 372 20.69 11.32 -13.48
C SER A 372 20.74 10.46 -14.73
N ALA A 373 21.02 9.17 -14.54
CA ALA A 373 21.06 8.23 -15.65
C ALA A 373 19.65 7.86 -16.07
N SER A 374 19.53 7.13 -17.18
CA SER A 374 18.24 6.63 -17.63
C SER A 374 18.00 5.24 -17.06
N PHE A 375 18.97 4.74 -16.30
CA PHE A 375 18.89 3.43 -15.67
C PHE A 375 19.79 3.35 -14.44
N GLY A 376 19.25 2.85 -13.34
CA GLY A 376 20.02 2.70 -12.11
C GLY A 376 19.15 2.66 -10.86
N THR A 377 19.81 2.62 -9.70
CA THR A 377 19.11 2.62 -8.43
C THR A 377 18.47 3.98 -8.16
N LEU A 378 17.19 3.95 -7.79
CA LEU A 378 16.41 5.18 -7.63
C LEU A 378 16.66 5.89 -6.30
N TRP A 379 17.09 7.14 -6.38
CA TRP A 379 17.21 8.01 -5.22
C TRP A 379 16.10 9.05 -5.28
N ILE A 380 15.40 9.23 -4.16
CA ILE A 380 14.27 10.15 -4.11
C ILE A 380 14.43 11.25 -3.07
N LYS A 381 14.28 12.50 -3.50
CA LYS A 381 14.27 13.63 -2.61
C LYS A 381 12.86 14.20 -2.53
N SER A 382 12.15 13.88 -1.45
CA SER A 382 10.76 14.25 -1.30
C SER A 382 10.51 14.94 0.04
N PRO A 383 9.57 15.90 0.06
CA PRO A 383 9.17 16.55 1.31
C PRO A 383 8.41 15.62 2.24
N ALA A 384 8.13 14.41 1.78
CA ALA A 384 7.41 13.42 2.58
C ALA A 384 8.37 12.40 3.18
N ASN A 385 9.65 12.49 2.80
CA ASN A 385 10.68 11.56 3.28
C ASN A 385 10.76 11.45 4.80
N MET A 386 11.31 10.34 5.27
CA MET A 386 11.44 10.08 6.69
C MET A 386 12.37 11.07 7.37
N LEU A 387 12.30 11.12 8.70
CA LEU A 387 13.28 11.86 9.49
C LEU A 387 14.53 11.01 9.63
N GLY A 388 14.33 9.70 9.67
CA GLY A 388 15.41 8.75 9.82
C GLY A 388 14.97 7.54 10.63
N TYR A 389 15.75 6.47 10.58
CA TYR A 389 15.46 5.29 11.39
C TYR A 389 15.69 5.62 12.86
N TRP A 390 14.71 5.31 13.69
CA TRP A 390 14.82 5.59 15.12
C TRP A 390 15.95 4.81 15.77
N ASN A 391 16.78 5.52 16.54
CA ASN A 391 17.87 4.91 17.30
C ASN A 391 18.82 4.08 16.45
N ASN A 392 19.01 4.51 15.20
CA ASN A 392 19.90 3.81 14.28
C ASN A 392 20.54 4.78 13.29
N PRO A 393 21.53 5.55 13.76
CA PRO A 393 22.19 6.59 12.95
C PRO A 393 23.04 5.98 11.83
N GLU A 394 23.59 4.80 12.08
CA GLU A 394 24.48 4.15 11.13
C GLU A 394 23.75 3.78 9.84
N ARG A 395 22.65 3.06 9.98
CA ARG A 395 21.87 2.62 8.82
C ARG A 395 21.14 3.79 8.16
N THR A 396 20.77 4.78 8.97
CA THR A 396 20.09 5.98 8.46
C THR A 396 21.01 6.75 7.51
N ALA A 397 22.30 6.75 7.83
CA ALA A 397 23.28 7.50 7.04
C ALA A 397 23.61 6.81 5.72
N GLU A 398 23.12 5.58 5.54
CA GLU A 398 23.34 4.84 4.31
C GLU A 398 22.16 4.99 3.37
N VAL A 399 21.02 5.40 3.92
CA VAL A 399 19.79 5.50 3.15
C VAL A 399 19.33 6.96 3.01
N LEU A 400 19.46 7.72 4.08
CA LEU A 400 19.05 9.13 4.06
C LEU A 400 20.25 10.06 4.08
N ILE A 401 20.61 10.58 2.90
CA ILE A 401 21.74 11.50 2.77
C ILE A 401 21.30 12.80 2.12
N ASP A 402 21.42 13.89 2.88
CA ASP A 402 21.07 15.24 2.39
C ASP A 402 19.65 15.33 1.83
N GLY A 403 18.73 14.57 2.42
CA GLY A 403 17.34 14.61 2.01
C GLY A 403 16.99 13.59 0.95
N TRP A 404 18.00 12.90 0.43
CA TRP A 404 17.78 11.87 -0.57
C TRP A 404 17.62 10.50 0.06
N VAL A 405 16.64 9.73 -0.40
CA VAL A 405 16.42 8.39 0.09
C VAL A 405 16.77 7.32 -0.94
N ASN A 406 17.68 6.44 -0.57
CA ASN A 406 18.06 5.32 -1.42
C ASN A 406 16.99 4.23 -1.38
N THR A 407 16.15 4.18 -2.40
CA THR A 407 15.05 3.21 -2.44
C THR A 407 15.58 1.78 -2.57
N GLY A 408 16.75 1.64 -3.17
CA GLY A 408 17.35 0.33 -3.36
C GLY A 408 16.69 -0.43 -4.49
N ASP A 409 15.86 0.26 -5.27
CA ASP A 409 15.16 -0.35 -6.39
C ASP A 409 15.72 0.12 -7.73
N LEU A 410 15.93 -0.82 -8.64
CA LEU A 410 16.38 -0.50 -9.98
C LEU A 410 15.22 -0.03 -10.85
N LEU A 411 15.34 1.19 -11.36
CA LEU A 411 14.31 1.77 -12.22
C LEU A 411 14.91 2.19 -13.55
N GLU A 412 14.05 2.32 -14.56
CA GLU A 412 14.48 2.82 -15.86
C GLU A 412 13.55 3.94 -16.34
N ARG A 413 14.10 5.12 -16.54
CA ARG A 413 13.33 6.22 -17.12
C ARG A 413 13.36 6.08 -18.63
N ARG A 414 12.28 5.55 -19.21
CA ARG A 414 12.21 5.40 -20.65
C ARG A 414 12.00 6.75 -21.34
N GLU A 415 11.98 6.72 -22.66
CA GLU A 415 11.94 7.93 -23.47
C GLU A 415 10.59 8.66 -23.42
N ASP A 416 9.67 8.18 -22.58
CA ASP A 416 8.38 8.83 -22.43
C ASP A 416 8.28 9.64 -21.14
N GLY A 417 9.26 9.48 -20.27
CA GLY A 417 9.28 10.23 -19.01
C GLY A 417 8.77 9.43 -17.83
N PHE A 418 8.33 8.20 -18.10
CA PHE A 418 7.86 7.33 -17.04
C PHE A 418 8.97 6.41 -16.55
N PHE A 419 8.85 5.95 -15.31
CA PHE A 419 9.86 5.07 -14.72
C PHE A 419 9.36 3.63 -14.66
N TYR A 420 10.18 2.70 -15.12
CA TYR A 420 9.80 1.31 -15.23
C TYR A 420 10.63 0.44 -14.28
N ILE A 421 9.94 -0.39 -13.50
CA ILE A 421 10.60 -1.21 -12.49
C ILE A 421 11.09 -2.54 -13.07
N LYS A 422 10.67 -2.84 -14.30
CA LYS A 422 11.20 -4.00 -15.01
C LYS A 422 11.69 -3.61 -16.40
N GLY A 423 12.50 -4.47 -17.00
CA GLY A 423 13.10 -4.17 -18.29
C GLY A 423 12.45 -4.88 -19.46
N ARG A 424 12.63 -4.31 -20.64
CA ARG A 424 12.10 -4.87 -21.88
C ARG A 424 13.24 -5.45 -22.70
N SER A 425 13.03 -6.61 -23.32
CA SER A 425 11.82 -7.41 -23.19
C SER A 425 12.17 -8.86 -23.49
N SER A 426 11.36 -9.78 -22.97
CA SER A 426 11.49 -11.17 -23.37
C SER A 426 10.48 -11.46 -24.46
N GLU A 427 10.99 -11.69 -25.67
CA GLU A 427 10.15 -12.00 -26.81
C GLU A 427 9.98 -13.51 -26.83
N MET A 428 11.09 -14.20 -26.59
CA MET A 428 11.09 -15.63 -26.34
C MET A 428 11.36 -15.83 -24.86
N ILE A 429 10.93 -16.96 -24.31
CA ILE A 429 11.28 -17.31 -22.94
C ILE A 429 12.56 -18.11 -22.94
N ILE A 430 13.67 -17.47 -22.56
CA ILE A 430 14.97 -18.10 -22.62
C ILE A 430 15.32 -18.81 -21.31
N CYS A 431 14.90 -20.06 -21.18
CA CYS A 431 15.23 -20.86 -20.01
C CYS A 431 16.55 -21.59 -20.24
N GLY A 432 17.47 -21.47 -19.28
CA GLY A 432 18.81 -21.98 -19.45
C GLY A 432 19.53 -21.14 -20.49
N GLY A 433 19.42 -21.57 -21.74
CA GLY A 433 19.97 -20.82 -22.86
C GLY A 433 19.15 -21.09 -24.11
N VAL A 434 18.12 -21.92 -23.93
CA VAL A 434 17.26 -22.33 -25.04
C VAL A 434 16.10 -21.38 -25.23
N ASN A 435 15.97 -20.85 -26.45
CA ASN A 435 14.86 -19.97 -26.80
C ASN A 435 13.56 -20.77 -26.91
N ILE A 436 12.55 -20.37 -26.15
CA ILE A 436 11.29 -21.08 -26.12
C ILE A 436 10.13 -20.20 -26.57
N ALA A 437 9.46 -20.61 -27.65
CA ALA A 437 8.36 -19.83 -28.21
C ALA A 437 7.06 -20.08 -27.46
N PRO A 438 6.46 -19.00 -26.93
CA PRO A 438 5.18 -19.07 -26.21
C PRO A 438 4.06 -19.66 -27.05
N ASP A 439 4.04 -19.36 -28.35
CA ASP A 439 3.01 -19.89 -29.24
C ASP A 439 3.06 -21.42 -29.29
N GLU A 440 4.26 -21.98 -29.22
CA GLU A 440 4.43 -23.42 -29.22
C GLU A 440 3.92 -24.04 -27.93
N VAL A 441 4.27 -23.43 -26.80
CA VAL A 441 3.83 -23.89 -25.49
C VAL A 441 2.32 -23.81 -25.37
N ASP A 442 1.75 -22.70 -25.85
CA ASP A 442 0.30 -22.51 -25.84
C ASP A 442 -0.40 -23.59 -26.66
N ARG A 443 0.17 -23.90 -27.83
CA ARG A 443 -0.39 -24.91 -28.73
C ARG A 443 -0.46 -26.29 -28.07
N ILE A 444 0.67 -26.73 -27.53
CA ILE A 444 0.75 -28.03 -26.87
C ILE A 444 -0.25 -28.12 -25.72
N ALA A 445 -0.32 -27.05 -24.93
CA ALA A 445 -1.23 -26.99 -23.80
C ALA A 445 -2.69 -27.08 -24.25
N GLU A 446 -3.04 -26.29 -25.28
CA GLU A 446 -4.41 -26.25 -25.78
C GLU A 446 -4.82 -27.55 -26.49
N GLY A 447 -3.85 -28.39 -26.79
CA GLY A 447 -4.11 -29.68 -27.41
C GLY A 447 -4.68 -30.69 -26.44
N VAL A 448 -4.65 -30.35 -25.15
CA VAL A 448 -5.20 -31.21 -24.12
C VAL A 448 -6.73 -31.11 -24.12
N SER A 449 -7.39 -32.21 -23.80
CA SER A 449 -8.85 -32.32 -23.85
C SER A 449 -9.59 -31.23 -23.07
N GLY A 450 -9.42 -31.24 -21.75
CA GLY A 450 -10.21 -30.39 -20.88
C GLY A 450 -9.96 -28.90 -20.92
N VAL A 451 -8.99 -28.47 -21.73
CA VAL A 451 -8.63 -27.06 -21.78
C VAL A 451 -9.30 -26.32 -22.93
N ARG A 452 -9.84 -25.14 -22.63
CA ARG A 452 -10.51 -24.31 -23.62
C ARG A 452 -9.54 -23.27 -24.15
N GLU A 453 -8.77 -22.69 -23.24
CA GLU A 453 -7.84 -21.63 -23.56
C GLU A 453 -6.61 -21.75 -22.67
N ALA A 454 -5.43 -21.45 -23.22
CA ALA A 454 -4.20 -21.55 -22.46
C ALA A 454 -3.15 -20.55 -22.95
N ALA A 455 -2.41 -19.97 -22.01
CA ALA A 455 -1.35 -19.02 -22.34
C ALA A 455 -0.24 -19.11 -21.32
N CYS A 456 1.00 -19.12 -21.80
CA CYS A 456 2.16 -19.18 -20.92
C CYS A 456 2.72 -17.80 -20.67
N TYR A 457 3.57 -17.68 -19.65
CA TYR A 457 4.19 -16.42 -19.29
C TYR A 457 5.59 -16.65 -18.76
N GLU A 458 6.42 -15.61 -18.75
CA GLU A 458 7.79 -15.75 -18.31
C GLU A 458 7.96 -15.55 -16.81
N ILE A 459 8.57 -16.53 -16.15
CA ILE A 459 8.94 -16.41 -14.75
C ILE A 459 10.45 -16.23 -14.65
N PRO A 460 10.89 -15.02 -14.30
CA PRO A 460 12.32 -14.70 -14.21
C PRO A 460 13.04 -15.57 -13.17
N ASP A 461 14.25 -16.00 -13.52
CA ASP A 461 15.07 -16.80 -12.62
C ASP A 461 16.52 -16.37 -12.77
N GLU A 462 17.17 -16.08 -11.65
CA GLU A 462 18.54 -15.59 -11.67
C GLU A 462 19.53 -16.64 -12.18
N GLU A 463 19.26 -17.90 -11.84
CA GLU A 463 20.19 -18.99 -12.18
C GLU A 463 19.98 -19.54 -13.58
N PHE A 464 18.74 -19.51 -14.07
CA PHE A 464 18.43 -20.09 -15.37
C PHE A 464 17.78 -19.10 -16.35
N GLY A 465 17.87 -17.82 -16.03
CA GLY A 465 17.34 -16.78 -16.91
C GLY A 465 15.84 -16.60 -16.77
N ALA A 466 15.08 -17.61 -17.16
CA ALA A 466 13.63 -17.55 -17.12
C ALA A 466 13.01 -18.93 -16.93
N LEU A 467 11.76 -18.96 -16.49
CA LEU A 467 11.03 -20.21 -16.36
C LEU A 467 9.69 -20.12 -17.11
N VAL A 468 9.14 -21.27 -17.49
CA VAL A 468 7.87 -21.30 -18.18
C VAL A 468 6.72 -21.46 -17.21
N GLY A 469 5.90 -20.42 -17.08
CA GLY A 469 4.70 -20.49 -16.28
C GLY A 469 3.51 -20.66 -17.20
N LEU A 470 2.54 -21.47 -16.79
CA LEU A 470 1.41 -21.77 -17.66
C LEU A 470 0.06 -21.50 -17.01
N ALA A 471 -0.74 -20.66 -17.65
CA ALA A 471 -2.10 -20.38 -17.20
C ALA A 471 -3.08 -21.18 -18.05
N VAL A 472 -4.06 -21.80 -17.40
CA VAL A 472 -4.98 -22.72 -18.07
C VAL A 472 -6.44 -22.44 -17.75
N VAL A 473 -7.26 -22.27 -18.78
CA VAL A 473 -8.69 -22.12 -18.62
C VAL A 473 -9.41 -23.43 -18.92
N ALA A 474 -10.09 -23.98 -17.92
CA ALA A 474 -10.82 -25.23 -18.08
C ALA A 474 -12.15 -24.99 -18.80
N SER A 475 -12.53 -25.93 -19.65
CA SER A 475 -13.79 -25.83 -20.39
C SER A 475 -14.98 -25.86 -19.46
N ALA A 476 -14.95 -26.78 -18.49
CA ALA A 476 -16.04 -26.93 -17.54
C ALA A 476 -15.70 -26.29 -16.20
N GLU A 477 -16.56 -26.53 -15.21
CA GLU A 477 -16.32 -26.04 -13.85
C GLU A 477 -15.83 -27.18 -12.98
N LEU A 478 -14.53 -27.15 -12.66
CA LEU A 478 -13.90 -28.24 -11.95
C LEU A 478 -13.85 -27.99 -10.45
N ASP A 479 -14.02 -29.06 -9.67
CA ASP A 479 -13.82 -28.97 -8.23
C ASP A 479 -12.33 -29.02 -7.91
N GLU A 480 -11.98 -29.27 -6.65
CA GLU A 480 -10.58 -29.31 -6.26
C GLU A 480 -9.85 -30.49 -6.87
N SER A 481 -10.53 -31.63 -6.93
CA SER A 481 -9.94 -32.87 -7.44
C SER A 481 -9.80 -32.87 -8.96
N ALA A 482 -10.84 -32.43 -9.65
CA ALA A 482 -10.84 -32.41 -11.11
C ALA A 482 -9.80 -31.43 -11.66
N ALA A 483 -9.56 -30.36 -10.91
CA ALA A 483 -8.57 -29.36 -11.32
C ALA A 483 -7.16 -29.91 -11.18
N ARG A 484 -6.91 -30.60 -10.06
CA ARG A 484 -5.61 -31.21 -9.82
C ARG A 484 -5.35 -32.30 -10.85
N ALA A 485 -6.40 -33.05 -11.19
CA ALA A 485 -6.30 -34.11 -12.18
C ALA A 485 -5.93 -33.56 -13.55
N LEU A 486 -6.55 -32.43 -13.92
CA LEU A 486 -6.25 -31.77 -15.18
C LEU A 486 -4.82 -31.25 -15.20
N LYS A 487 -4.38 -30.73 -14.05
CA LYS A 487 -3.03 -30.20 -13.92
C LYS A 487 -1.97 -31.26 -14.19
N HIS A 488 -2.12 -32.42 -13.55
CA HIS A 488 -1.19 -33.52 -13.71
C HIS A 488 -1.21 -34.08 -15.14
N THR A 489 -2.37 -34.00 -15.78
CA THR A 489 -2.52 -34.46 -17.15
C THR A 489 -1.73 -33.56 -18.11
N ILE A 490 -1.86 -32.25 -17.92
CA ILE A 490 -1.16 -31.28 -18.76
C ILE A 490 0.35 -31.41 -18.60
N ALA A 491 0.81 -31.61 -17.36
CA ALA A 491 2.23 -31.75 -17.08
C ALA A 491 2.81 -33.01 -17.73
N ALA A 492 2.07 -34.11 -17.62
CA ALA A 492 2.50 -35.37 -18.23
C ALA A 492 2.50 -35.25 -19.75
N ARG A 493 1.61 -34.41 -20.27
CA ARG A 493 1.55 -34.16 -21.71
C ARG A 493 2.80 -33.45 -22.19
N PHE A 494 3.23 -32.43 -21.45
CA PHE A 494 4.43 -31.68 -21.79
C PHE A 494 5.69 -32.52 -21.63
N ARG A 495 5.68 -33.43 -20.66
CA ARG A 495 6.80 -34.34 -20.45
C ARG A 495 7.07 -35.16 -21.70
N ARG A 496 5.99 -35.56 -22.37
CA ARG A 496 6.09 -36.42 -23.55
C ARG A 496 6.25 -35.61 -24.84
N GLU A 497 5.35 -34.65 -25.05
CA GLU A 497 5.32 -33.90 -26.30
C GLU A 497 6.43 -32.85 -26.42
N SER A 498 6.72 -32.16 -25.33
CA SER A 498 7.73 -31.12 -25.36
C SER A 498 9.09 -31.62 -24.88
N GLU A 499 10.01 -30.68 -24.66
CA GLU A 499 11.37 -31.00 -24.25
C GLU A 499 11.84 -29.95 -23.26
N PRO A 500 12.83 -30.29 -22.43
CA PRO A 500 13.47 -29.23 -21.64
C PRO A 500 14.22 -28.30 -22.59
N MET A 501 14.24 -27.00 -22.30
CA MET A 501 13.66 -26.44 -21.08
C MET A 501 12.22 -25.98 -21.26
N ALA A 502 11.57 -26.41 -22.34
CA ALA A 502 10.24 -25.92 -22.68
C ALA A 502 9.11 -26.54 -21.85
N ARG A 503 9.47 -27.15 -20.72
CA ARG A 503 8.47 -27.69 -19.82
C ARG A 503 8.06 -26.67 -18.76
N PRO A 504 6.75 -26.47 -18.59
CA PRO A 504 6.21 -25.53 -17.60
C PRO A 504 6.66 -25.86 -16.17
N SER A 505 7.18 -24.86 -15.47
CA SER A 505 7.60 -25.04 -14.10
C SER A 505 6.39 -24.96 -13.17
N THR A 506 5.43 -24.12 -13.54
CA THR A 506 4.18 -24.00 -12.80
C THR A 506 2.99 -24.08 -13.74
N ILE A 507 1.95 -24.80 -13.32
CA ILE A 507 0.73 -24.92 -14.10
C ILE A 507 -0.47 -24.56 -13.22
N VAL A 508 -1.17 -23.49 -13.58
CA VAL A 508 -2.29 -23.01 -12.77
C VAL A 508 -3.59 -22.93 -13.56
N ILE A 509 -4.69 -23.29 -12.91
CA ILE A 509 -6.00 -23.18 -13.50
C ILE A 509 -6.58 -21.79 -13.21
N VAL A 510 -6.77 -21.00 -14.26
CA VAL A 510 -7.24 -19.63 -14.10
C VAL A 510 -8.66 -19.48 -14.66
N THR A 511 -9.42 -18.56 -14.08
CA THR A 511 -10.78 -18.28 -14.54
C THR A 511 -10.81 -17.80 -15.98
N ASP A 512 -9.92 -16.86 -16.30
CA ASP A 512 -9.86 -16.30 -17.65
C ASP A 512 -8.47 -15.82 -18.02
N ILE A 513 -8.28 -15.48 -19.29
CA ILE A 513 -6.99 -15.01 -19.79
C ILE A 513 -7.12 -13.63 -20.43
N PRO A 514 -6.44 -12.63 -19.83
CA PRO A 514 -6.49 -11.24 -20.31
C PRO A 514 -5.82 -11.08 -21.66
N ARG A 515 -6.50 -10.39 -22.58
CA ARG A 515 -5.95 -10.11 -23.90
C ARG A 515 -6.18 -8.65 -24.26
N THR A 516 -5.38 -8.15 -25.20
CA THR A 516 -5.58 -6.81 -25.74
C THR A 516 -6.75 -6.84 -26.71
N GLN A 517 -7.05 -5.68 -27.31
CA GLN A 517 -8.10 -5.63 -28.32
C GLN A 517 -7.61 -6.26 -29.62
N SER A 518 -6.30 -6.26 -29.79
CA SER A 518 -5.67 -6.91 -30.94
C SER A 518 -5.70 -8.44 -30.79
N GLY A 519 -6.04 -8.90 -29.59
CA GLY A 519 -6.13 -10.31 -29.31
C GLY A 519 -4.88 -10.85 -28.64
N LYS A 520 -3.85 -10.02 -28.57
CA LYS A 520 -2.57 -10.41 -27.99
C LYS A 520 -2.71 -10.67 -26.49
N VAL A 521 -2.08 -11.75 -26.03
CA VAL A 521 -2.15 -12.13 -24.62
C VAL A 521 -1.28 -11.21 -23.76
N MET A 522 -1.88 -10.65 -22.72
CA MET A 522 -1.16 -9.82 -21.77
C MET A 522 -0.46 -10.72 -20.75
N ARG A 523 0.71 -11.22 -21.14
CA ARG A 523 1.42 -12.23 -20.35
C ARG A 523 2.02 -11.67 -19.05
N ALA A 524 2.28 -10.37 -19.02
CA ALA A 524 2.81 -9.73 -17.83
C ALA A 524 1.74 -9.69 -16.73
N SER A 525 0.49 -9.53 -17.14
CA SER A 525 -0.63 -9.53 -16.20
C SER A 525 -0.80 -10.91 -15.57
N LEU A 526 -0.46 -11.94 -16.34
CA LEU A 526 -0.49 -13.31 -15.83
C LEU A 526 0.64 -13.54 -14.83
N ALA A 527 1.83 -13.07 -15.18
CA ALA A 527 3.01 -13.22 -14.34
C ALA A 527 2.86 -12.48 -13.01
N ALA A 528 2.37 -11.25 -13.10
CA ALA A 528 2.17 -10.43 -11.90
C ALA A 528 1.15 -11.06 -10.96
N ALA A 529 0.12 -11.66 -11.55
CA ALA A 529 -0.91 -12.33 -10.77
C ALA A 529 -0.41 -13.65 -10.21
N ALA A 530 0.53 -14.26 -10.91
CA ALA A 530 1.12 -15.54 -10.49
C ALA A 530 1.92 -15.37 -9.20
N THR A 531 2.68 -14.28 -9.12
CA THR A 531 3.47 -13.98 -7.93
C THR A 531 2.54 -13.58 -6.78
N ALA A 532 1.53 -12.78 -7.10
CA ALA A 532 0.56 -12.33 -6.11
C ALA A 532 -0.50 -13.40 -5.85
#